data_6MNE
#
_entry.id   6MNE
#
_cell.length_a   43.780
_cell.length_b   108.240
_cell.length_c   117.670
_cell.angle_alpha   90.000
_cell.angle_beta   90.000
_cell.angle_gamma   90.000
#
_symmetry.space_group_name_H-M   'P 21 21 21'
#
loop_
_entity.id
_entity.type
_entity.pdbx_description
1 polymer 'Estradiol 17-beta-dehydrogenase 1'
2 non-polymer 'NADP NICOTINAMIDE-ADENINE-DINUCLEOTIDE PHOSPHATE'
3 non-polymer (9beta,13alpha)-3-hydroxyestra-1,3,5(10)-trien-17-one
4 non-polymer GLYCEROL
5 water water
#
_entity_poly.entity_id   1
_entity_poly.type   'polypeptide(L)'
_entity_poly.pdbx_seq_one_letter_code
;MARTVVLITGCSSGIGLHLAVRLASDPSQSFKVYATLRDLKTQGRLWEAARALACPPGSLETLQLDVRDSKSVAAARERV
TEGRVDVLVCNAGLGLLGPLEALGEDAVASVLDVNVVGTVRMLQAFLPDMKRRGSGRVLVTGSVGGLMGLPFNDVYCASK
FALEGLCESLAVLLLPFGVHLSLIECGPVHTAFMEKVLGSPEEVLDRTDIHTFHRFYQYLAHSKQVFREAAQNPEEVAEV
FLTALRAPKPTLRYFTTERFLPLLRMRLDDPSGSNYVTAMHREVFGDVPAKAEAGAEAGGGAGPGAEDEAGRGAVGDPEL
GDPPAAPQ
;
_entity_poly.pdbx_strand_id   A,B
#
loop_
_chem_comp.id
_chem_comp.type
_chem_comp.name
_chem_comp.formula
GOL non-polymer GLYCEROL 'C3 H8 O3'
J3Z non-polymer (9beta,13alpha)-3-hydroxyestra-1,3,5(10)-trien-17-one 'C18 H22 O2'
NAP non-polymer 'NADP NICOTINAMIDE-ADENINE-DINUCLEOTIDE PHOSPHATE' 'C21 H28 N7 O17 P3'
#
# COMPACT_ATOMS: atom_id res chain seq x y z
N ALA A 2 -25.08 29.41 3.06
CA ALA A 2 -24.03 28.62 2.34
C ALA A 2 -23.83 27.25 3.01
N ARG A 3 -24.28 26.20 2.33
CA ARG A 3 -24.18 24.85 2.84
C ARG A 3 -22.78 24.31 2.60
N THR A 4 -22.41 23.30 3.38
CA THR A 4 -21.14 22.58 3.23
C THR A 4 -21.33 21.56 2.11
N VAL A 5 -20.59 21.71 1.01
CA VAL A 5 -20.75 20.84 -0.15
C VAL A 5 -19.89 19.59 0.04
N VAL A 6 -20.55 18.45 0.03
CA VAL A 6 -19.88 17.15 0.24
C VAL A 6 -19.97 16.31 -1.01
N LEU A 7 -18.84 15.77 -1.45
CA LEU A 7 -18.85 14.79 -2.52
C LEU A 7 -18.26 13.47 -2.01
N ILE A 8 -19.02 12.39 -2.19
CA ILE A 8 -18.68 11.05 -1.67
C ILE A 8 -18.64 10.04 -2.80
N THR A 9 -17.60 9.20 -2.81
CA THR A 9 -17.50 8.11 -3.77
C THR A 9 -18.05 6.81 -3.17
N GLY A 10 -18.59 5.97 -4.04
CA GLY A 10 -19.04 4.64 -3.64
C GLY A 10 -20.28 4.63 -2.78
N CYS A 11 -21.34 5.28 -3.27
CA CYS A 11 -22.57 5.46 -2.49
C CYS A 11 -23.74 4.52 -2.79
N SER A 12 -23.52 3.50 -3.60
CA SER A 12 -24.59 2.55 -3.91
C SER A 12 -24.96 1.66 -2.70
N SER A 13 -24.03 1.46 -1.77
CA SER A 13 -24.28 0.56 -0.65
C SER A 13 -23.36 0.91 0.51
N GLY A 14 -23.62 0.29 1.66
CA GLY A 14 -22.67 0.29 2.75
C GLY A 14 -22.42 1.63 3.38
N ILE A 15 -21.15 1.87 3.72
CA ILE A 15 -20.77 3.07 4.40
C ILE A 15 -21.11 4.33 3.58
N GLY A 16 -20.79 4.35 2.29
CA GLY A 16 -21.08 5.52 1.47
C GLY A 16 -22.56 5.87 1.41
N LEU A 17 -23.41 4.87 1.22
CA LEU A 17 -24.86 5.11 1.19
C LEU A 17 -25.32 5.73 2.51
N HIS A 18 -24.94 5.09 3.62
CA HIS A 18 -25.39 5.55 4.93
C HIS A 18 -24.84 6.92 5.32
N LEU A 19 -23.59 7.21 4.98
CA LEU A 19 -23.03 8.54 5.20
C LEU A 19 -23.74 9.61 4.39
N ALA A 20 -23.97 9.31 3.11
CA ALA A 20 -24.66 10.26 2.23
C ALA A 20 -26.02 10.69 2.85
N VAL A 21 -26.83 9.72 3.26
CA VAL A 21 -28.19 10.01 3.77
C VAL A 21 -28.14 10.61 5.18
N ARG A 22 -27.15 10.20 5.99
CA ARG A 22 -26.90 10.86 7.28
C ARG A 22 -26.63 12.34 7.13
N LEU A 23 -25.75 12.71 6.20
CA LEU A 23 -25.39 14.09 5.99
C LEU A 23 -26.57 14.87 5.40
N ALA A 24 -27.19 14.31 4.36
CA ALA A 24 -28.29 14.99 3.67
C ALA A 24 -29.51 15.18 4.58
N SER A 25 -29.74 14.26 5.52
CA SER A 25 -30.88 14.36 6.43
C SER A 25 -30.59 15.12 7.73
N ASP A 26 -29.38 15.66 7.88
CA ASP A 26 -28.98 16.24 9.16
C ASP A 26 -29.95 17.37 9.53
N PRO A 27 -30.46 17.37 10.78
CA PRO A 27 -31.46 18.39 11.20
C PRO A 27 -31.10 19.84 10.91
N SER A 28 -29.81 20.18 11.03
CA SER A 28 -29.30 21.52 10.69
C SER A 28 -29.42 21.92 9.21
N GLN A 29 -29.60 20.95 8.31
CA GLN A 29 -29.65 21.21 6.87
C GLN A 29 -28.41 21.97 6.38
N SER A 30 -27.27 21.73 7.00
CA SER A 30 -26.05 22.43 6.61
C SER A 30 -25.23 21.72 5.50
N PHE A 31 -25.59 20.48 5.13
CA PHE A 31 -24.84 19.74 4.09
C PHE A 31 -25.63 19.63 2.77
N LYS A 32 -24.94 19.89 1.65
CA LYS A 32 -25.40 19.54 0.31
C LYS A 32 -24.54 18.37 -0.15
N VAL A 33 -25.16 17.25 -0.46
CA VAL A 33 -24.44 15.99 -0.73
C VAL A 33 -24.53 15.55 -2.20
N TYR A 34 -23.38 15.48 -2.86
CA TYR A 34 -23.24 14.74 -4.12
C TYR A 34 -22.81 13.31 -3.84
N ALA A 35 -23.76 12.39 -3.96
CA ALA A 35 -23.49 10.98 -3.72
C ALA A 35 -23.17 10.39 -5.07
N THR A 36 -21.92 9.92 -5.24
CA THR A 36 -21.49 9.41 -6.53
C THR A 36 -21.39 7.89 -6.52
N LEU A 37 -21.72 7.28 -7.66
CA LEU A 37 -21.82 5.83 -7.81
C LEU A 37 -21.07 5.43 -9.07
N ARG A 38 -20.46 4.26 -9.05
CA ARG A 38 -19.80 3.75 -10.24
C ARG A 38 -20.77 3.63 -11.42
N ASP A 39 -21.97 3.13 -11.15
CA ASP A 39 -23.02 2.94 -12.16
C ASP A 39 -24.32 3.49 -11.60
N LEU A 40 -24.87 4.51 -12.25
CA LEU A 40 -26.10 5.16 -11.78
C LEU A 40 -27.29 4.21 -11.65
N LYS A 41 -27.30 3.14 -12.43
CA LYS A 41 -28.36 2.13 -12.32
C LYS A 41 -28.50 1.50 -10.94
N THR A 42 -27.47 1.63 -10.10
CA THR A 42 -27.49 1.04 -8.75
C THR A 42 -28.01 2.01 -7.67
N GLN A 43 -28.52 3.17 -8.04
CA GLN A 43 -28.92 4.20 -7.09
C GLN A 43 -30.22 3.99 -6.32
N GLY A 44 -30.97 2.92 -6.63
CA GLY A 44 -32.27 2.67 -6.00
C GLY A 44 -32.25 2.60 -4.46
N ARG A 45 -31.34 1.80 -3.91
CA ARG A 45 -31.24 1.68 -2.46
C ARG A 45 -30.95 3.02 -1.77
N LEU A 46 -30.05 3.82 -2.37
CA LEU A 46 -29.76 5.16 -1.88
C LEU A 46 -31.04 5.98 -1.77
N TRP A 47 -31.80 6.04 -2.86
CA TRP A 47 -33.00 6.85 -2.85
C TRP A 47 -34.05 6.32 -1.89
N GLU A 48 -34.12 5.01 -1.73
CA GLU A 48 -35.02 4.39 -0.74
C GLU A 48 -34.67 4.82 0.69
N ALA A 49 -33.37 4.77 1.00
CA ALA A 49 -32.84 5.21 2.29
C ALA A 49 -33.03 6.71 2.50
N ALA A 50 -32.84 7.49 1.43
CA ALA A 50 -33.00 8.93 1.51
C ALA A 50 -34.42 9.33 1.93
N ARG A 51 -35.41 8.66 1.34
CA ARG A 51 -36.85 8.84 1.64
CA ARG A 51 -36.81 8.94 1.69
C ARG A 51 -37.19 8.39 3.06
N ALA A 52 -36.63 7.25 3.45
CA ALA A 52 -36.80 6.75 4.81
C ALA A 52 -36.35 7.74 5.87
N LEU A 53 -35.25 8.46 5.62
CA LEU A 53 -34.77 9.52 6.52
C LEU A 53 -35.32 10.92 6.20
N ALA A 54 -36.24 11.03 5.25
CA ALA A 54 -36.82 12.30 4.83
C ALA A 54 -35.81 13.38 4.47
N CYS A 55 -34.81 13.02 3.68
CA CYS A 55 -33.84 14.00 3.20
C CYS A 55 -34.58 15.10 2.46
N PRO A 56 -34.36 16.37 2.84
CA PRO A 56 -35.08 17.46 2.16
C PRO A 56 -34.76 17.55 0.67
N PRO A 57 -35.73 18.01 -0.14
CA PRO A 57 -35.49 18.32 -1.56
C PRO A 57 -34.26 19.19 -1.76
N GLY A 58 -33.40 18.78 -2.67
CA GLY A 58 -32.15 19.46 -2.95
C GLY A 58 -30.97 19.17 -2.01
N SER A 59 -31.13 18.38 -0.96
CA SER A 59 -30.01 18.06 -0.05
C SER A 59 -29.08 16.95 -0.59
N LEU A 60 -29.61 16.13 -1.50
CA LEU A 60 -28.97 14.96 -2.05
C LEU A 60 -29.12 14.91 -3.57
N GLU A 61 -27.99 14.81 -4.27
CA GLU A 61 -27.95 14.59 -5.73
C GLU A 61 -27.07 13.39 -6.02
N THR A 62 -27.36 12.67 -7.10
CA THR A 62 -26.51 11.57 -7.54
C THR A 62 -25.76 11.94 -8.82
N LEU A 63 -24.51 11.47 -8.91
CA LEU A 63 -23.66 11.58 -10.11
C LEU A 63 -23.01 10.25 -10.40
N GLN A 64 -22.75 9.96 -11.68
CA GLN A 64 -21.91 8.84 -12.07
CA GLN A 64 -21.92 8.81 -11.99
C GLN A 64 -20.47 9.25 -11.84
N LEU A 65 -19.69 8.42 -11.16
CA LEU A 65 -18.27 8.67 -11.00
C LEU A 65 -17.58 7.32 -10.81
N ASP A 66 -16.87 6.90 -11.86
CA ASP A 66 -16.08 5.69 -11.86
C ASP A 66 -14.63 6.11 -11.61
N VAL A 67 -14.11 5.75 -10.43
CA VAL A 67 -12.76 6.20 -10.04
C VAL A 67 -11.61 5.60 -10.86
N ARG A 68 -11.89 4.64 -11.74
CA ARG A 68 -10.89 4.13 -12.70
C ARG A 68 -10.65 5.09 -13.87
N ASP A 69 -11.51 6.08 -14.06
CA ASP A 69 -11.53 6.91 -15.26
C ASP A 69 -11.48 8.38 -14.89
N SER A 70 -10.35 9.02 -15.13
CA SER A 70 -10.17 10.43 -14.76
C SER A 70 -11.07 11.39 -15.55
N LYS A 71 -11.60 10.94 -16.69
CA LYS A 71 -12.64 11.72 -17.39
C LYS A 71 -13.96 11.65 -16.66
N SER A 72 -14.27 10.48 -16.08
CA SER A 72 -15.45 10.34 -15.24
C SER A 72 -15.33 11.21 -13.98
N VAL A 73 -14.15 11.18 -13.34
CA VAL A 73 -13.85 12.06 -12.21
C VAL A 73 -14.06 13.53 -12.59
N ALA A 74 -13.49 13.93 -13.72
CA ALA A 74 -13.52 15.32 -14.18
C ALA A 74 -14.94 15.80 -14.50
N ALA A 75 -15.72 14.98 -15.19
CA ALA A 75 -17.11 15.32 -15.50
C ALA A 75 -17.98 15.46 -14.23
N ALA A 76 -17.72 14.61 -13.23
CA ALA A 76 -18.44 14.72 -11.95
C ALA A 76 -18.06 16.01 -11.24
N ARG A 77 -16.77 16.36 -11.23
CA ARG A 77 -16.36 17.64 -10.66
C ARG A 77 -17.10 18.81 -11.33
N GLU A 78 -17.23 18.76 -12.65
CA GLU A 78 -17.94 19.81 -13.40
C GLU A 78 -19.41 19.95 -13.03
N ARG A 79 -20.05 18.84 -12.65
CA ARG A 79 -21.45 18.85 -12.21
C ARG A 79 -21.71 19.39 -10.80
N VAL A 80 -20.67 19.72 -10.05
CA VAL A 80 -20.86 20.39 -8.75
C VAL A 80 -21.22 21.86 -9.03
N THR A 81 -22.51 22.15 -9.03
CA THR A 81 -23.02 23.47 -9.43
C THR A 81 -22.45 24.62 -8.58
N GLU A 82 -22.18 24.35 -7.31
CA GLU A 82 -21.56 25.33 -6.41
C GLU A 82 -20.12 25.70 -6.77
N GLY A 83 -19.46 24.90 -7.60
CA GLY A 83 -18.08 25.18 -8.04
C GLY A 83 -17.01 25.03 -6.98
N ARG A 84 -17.34 24.27 -5.92
CA ARG A 84 -16.38 23.97 -4.87
C ARG A 84 -16.85 22.74 -4.12
N VAL A 85 -15.89 22.08 -3.49
CA VAL A 85 -16.16 20.97 -2.60
C VAL A 85 -15.51 21.28 -1.26
N ASP A 86 -16.33 21.29 -0.21
CA ASP A 86 -15.85 21.55 1.14
C ASP A 86 -15.37 20.28 1.83
N VAL A 87 -16.04 19.18 1.54
CA VAL A 87 -15.69 17.88 2.11
C VAL A 87 -15.66 16.84 1.00
N LEU A 88 -14.50 16.22 0.80
CA LEU A 88 -14.35 15.12 -0.16
C LEU A 88 -14.25 13.83 0.66
N VAL A 89 -15.10 12.85 0.36
CA VAL A 89 -15.02 11.54 1.03
C VAL A 89 -14.62 10.46 0.01
N CYS A 90 -13.41 9.95 0.13
CA CYS A 90 -12.91 8.90 -0.74
C CYS A 90 -13.23 7.57 -0.08
N ASN A 91 -14.33 6.98 -0.51
CA ASN A 91 -14.86 5.79 0.12
C ASN A 91 -14.92 4.56 -0.79
N ALA A 92 -14.98 4.77 -2.11
CA ALA A 92 -15.06 3.66 -3.07
C ALA A 92 -13.93 2.68 -2.81
N GLY A 93 -14.26 1.40 -2.85
CA GLY A 93 -13.24 0.37 -2.61
C GLY A 93 -13.72 -1.02 -2.97
N LEU A 94 -12.76 -1.88 -3.29
CA LEU A 94 -13.01 -3.29 -3.58
C LEU A 94 -12.30 -4.16 -2.57
N GLY A 95 -12.89 -5.32 -2.29
CA GLY A 95 -12.24 -6.36 -1.48
C GLY A 95 -11.66 -7.40 -2.42
N LEU A 96 -10.79 -8.26 -1.91
CA LEU A 96 -10.31 -9.39 -2.70
C LEU A 96 -9.85 -10.44 -1.70
N LEU A 97 -10.46 -11.62 -1.81
CA LEU A 97 -10.34 -12.64 -0.81
C LEU A 97 -9.95 -13.93 -1.51
N GLY A 98 -8.89 -14.58 -1.04
CA GLY A 98 -8.46 -15.86 -1.65
C GLY A 98 -7.00 -16.16 -1.40
N PRO A 99 -6.56 -17.41 -1.69
CA PRO A 99 -5.12 -17.67 -1.68
C PRO A 99 -4.46 -16.82 -2.76
N LEU A 100 -3.33 -16.21 -2.43
CA LEU A 100 -2.66 -15.29 -3.37
C LEU A 100 -2.50 -15.87 -4.77
N GLU A 101 -2.04 -17.11 -4.84
CA GLU A 101 -1.77 -17.76 -6.11
C GLU A 101 -3.03 -18.17 -6.90
N ALA A 102 -4.21 -18.12 -6.27
CA ALA A 102 -5.52 -18.35 -6.92
C ALA A 102 -6.17 -17.07 -7.45
N LEU A 103 -5.66 -15.90 -7.06
CA LEU A 103 -6.20 -14.64 -7.50
C LEU A 103 -5.75 -14.34 -8.92
N GLY A 104 -6.69 -13.91 -9.75
CA GLY A 104 -6.41 -13.56 -11.14
C GLY A 104 -5.64 -12.26 -11.19
N GLU A 105 -4.73 -12.17 -12.16
CA GLU A 105 -3.84 -11.01 -12.29
C GLU A 105 -4.63 -9.72 -12.52
N ASP A 106 -5.72 -9.85 -13.26
CA ASP A 106 -6.66 -8.75 -13.50
C ASP A 106 -7.39 -8.32 -12.22
N ALA A 107 -7.79 -9.28 -11.39
CA ALA A 107 -8.43 -8.93 -10.10
C ALA A 107 -7.47 -8.13 -9.20
N VAL A 108 -6.21 -8.57 -9.16
CA VAL A 108 -5.17 -7.90 -8.38
C VAL A 108 -4.96 -6.48 -8.87
N ALA A 109 -4.77 -6.30 -10.17
CA ALA A 109 -4.59 -4.97 -10.75
C ALA A 109 -5.78 -4.06 -10.49
N SER A 110 -6.99 -4.60 -10.59
CA SER A 110 -8.22 -3.81 -10.36
C SER A 110 -8.33 -3.26 -8.94
N VAL A 111 -7.96 -4.09 -7.96
CA VAL A 111 -8.01 -3.68 -6.59
C VAL A 111 -7.09 -2.50 -6.37
N LEU A 112 -5.88 -2.58 -6.91
CA LEU A 112 -4.92 -1.49 -6.80
C LEU A 112 -5.43 -0.25 -7.55
N ASP A 113 -5.96 -0.46 -8.75
CA ASP A 113 -6.44 0.66 -9.55
C ASP A 113 -7.59 1.41 -8.92
N VAL A 114 -8.54 0.69 -8.33
CA VAL A 114 -9.72 1.33 -7.71
C VAL A 114 -9.35 1.91 -6.37
N ASN A 115 -8.73 1.09 -5.50
CA ASN A 115 -8.50 1.50 -4.12
C ASN A 115 -7.40 2.55 -3.98
N VAL A 116 -6.34 2.44 -4.78
CA VAL A 116 -5.17 3.28 -4.56
C VAL A 116 -5.14 4.34 -5.64
N VAL A 117 -5.07 3.92 -6.90
CA VAL A 117 -4.94 4.87 -8.01
C VAL A 117 -6.21 5.71 -8.08
N GLY A 118 -7.37 5.08 -7.85
CA GLY A 118 -8.64 5.80 -7.87
C GLY A 118 -8.70 6.92 -6.85
N THR A 119 -8.11 6.69 -5.67
CA THR A 119 -8.04 7.73 -4.63
C THR A 119 -7.08 8.85 -5.02
N VAL A 120 -5.96 8.47 -5.67
CA VAL A 120 -5.06 9.42 -6.30
C VAL A 120 -5.77 10.29 -7.33
N ARG A 121 -6.54 9.70 -8.23
CA ARG A 121 -7.31 10.47 -9.21
C ARG A 121 -8.27 11.48 -8.56
N MET A 122 -8.95 11.05 -7.50
CA MET A 122 -9.83 11.94 -6.75
C MET A 122 -9.08 13.12 -6.13
N LEU A 123 -7.96 12.84 -5.49
CA LEU A 123 -7.13 13.86 -4.87
C LEU A 123 -6.54 14.82 -5.93
N GLN A 124 -6.10 14.30 -7.06
CA GLN A 124 -5.59 15.15 -8.16
C GLN A 124 -6.65 16.10 -8.69
N ALA A 125 -7.87 15.61 -8.83
CA ALA A 125 -8.99 16.43 -9.30
C ALA A 125 -9.46 17.48 -8.29
N PHE A 126 -9.54 17.11 -7.01
CA PHE A 126 -10.16 17.99 -6.01
C PHE A 126 -9.21 18.70 -5.03
N LEU A 127 -8.03 18.14 -4.71
CA LEU A 127 -7.12 18.80 -3.76
C LEU A 127 -6.67 20.20 -4.13
N PRO A 128 -6.28 20.43 -5.42
CA PRO A 128 -5.77 21.76 -5.78
C PRO A 128 -6.67 22.91 -5.34
N ASP A 129 -7.96 22.88 -5.68
CA ASP A 129 -8.89 23.95 -5.26
C ASP A 129 -8.99 24.15 -3.74
N MET A 130 -8.89 23.08 -2.96
CA MET A 130 -8.84 23.18 -1.50
C MET A 130 -7.58 23.87 -1.04
N LYS A 131 -6.44 23.44 -1.58
CA LYS A 131 -5.15 24.04 -1.23
C LYS A 131 -5.11 25.53 -1.58
N ARG A 132 -5.67 25.90 -2.73
CA ARG A 132 -5.70 27.30 -3.17
C ARG A 132 -6.56 28.15 -2.25
N ARG A 133 -7.76 27.65 -1.96
CA ARG A 133 -8.71 28.28 -1.04
C ARG A 133 -8.21 28.33 0.43
N GLY A 134 -7.36 27.40 0.83
CA GLY A 134 -6.90 27.31 2.22
C GLY A 134 -7.92 26.65 3.15
N SER A 135 -8.80 25.83 2.59
CA SER A 135 -9.77 25.10 3.42
C SER A 135 -10.31 23.88 2.69
N GLY A 136 -10.78 22.92 3.46
CA GLY A 136 -11.34 21.69 2.93
C GLY A 136 -11.00 20.53 3.82
N ARG A 137 -11.88 19.54 3.83
CA ARG A 137 -11.72 18.32 4.60
C ARG A 137 -11.71 17.18 3.61
N VAL A 138 -10.83 16.21 3.84
CA VAL A 138 -10.78 15.01 3.02
C VAL A 138 -10.85 13.87 4.00
N LEU A 139 -11.86 13.03 3.83
CA LEU A 139 -12.03 11.82 4.64
C LEU A 139 -11.86 10.60 3.74
N VAL A 140 -11.02 9.67 4.17
CA VAL A 140 -10.73 8.49 3.39
C VAL A 140 -11.15 7.29 4.22
N THR A 141 -11.97 6.43 3.63
CA THR A 141 -12.41 5.22 4.32
C THR A 141 -11.20 4.28 4.44
N GLY A 142 -10.79 4.02 5.68
CA GLY A 142 -9.67 3.16 5.98
C GLY A 142 -10.15 1.83 6.55
N SER A 143 -9.21 0.98 6.93
CA SER A 143 -9.55 -0.35 7.41
C SER A 143 -8.52 -0.78 8.44
N VAL A 144 -8.97 -1.55 9.43
CA VAL A 144 -8.03 -2.30 10.30
C VAL A 144 -7.01 -3.06 9.43
N GLY A 145 -7.44 -3.57 8.29
CA GLY A 145 -6.57 -4.23 7.31
C GLY A 145 -5.51 -3.37 6.63
N GLY A 146 -5.57 -2.04 6.80
CA GLY A 146 -4.49 -1.15 6.42
C GLY A 146 -3.48 -0.91 7.50
N LEU A 147 -3.77 -1.42 8.70
CA LEU A 147 -2.92 -1.27 9.88
C LEU A 147 -2.24 -2.58 10.30
N MET A 148 -2.79 -3.72 9.90
CA MET A 148 -2.21 -5.00 10.21
C MET A 148 -2.63 -5.99 9.15
N GLY A 149 -1.74 -6.95 8.89
CA GLY A 149 -1.92 -7.88 7.79
C GLY A 149 -2.91 -8.95 8.15
N LEU A 150 -3.76 -9.32 7.19
CA LEU A 150 -4.81 -10.32 7.38
C LEU A 150 -4.63 -11.46 6.38
N PRO A 151 -4.55 -12.71 6.87
CA PRO A 151 -4.33 -13.78 5.91
C PRO A 151 -5.46 -13.91 4.90
N PHE A 152 -5.11 -14.32 3.70
CA PHE A 152 -6.04 -14.45 2.57
C PHE A 152 -6.67 -13.14 2.13
N ASN A 153 -6.19 -12.02 2.68
CA ASN A 153 -6.55 -10.67 2.23
C ASN A 153 -5.31 -9.90 1.80
N ASP A 154 -4.32 -10.60 1.25
CA ASP A 154 -2.97 -10.02 1.03
C ASP A 154 -3.03 -8.76 0.16
N VAL A 155 -3.80 -8.84 -0.92
CA VAL A 155 -3.88 -7.75 -1.90
C VAL A 155 -4.80 -6.64 -1.41
N TYR A 156 -5.92 -7.01 -0.79
CA TYR A 156 -6.76 -6.02 -0.11
C TYR A 156 -5.94 -5.23 0.92
N CYS A 157 -5.24 -5.95 1.79
CA CYS A 157 -4.35 -5.30 2.78
C CYS A 157 -3.26 -4.44 2.13
N ALA A 158 -2.63 -4.93 1.08
CA ALA A 158 -1.68 -4.13 0.29
C ALA A 158 -2.30 -2.79 -0.08
N SER A 159 -3.53 -2.82 -0.56
CA SER A 159 -4.20 -1.60 -1.04
C SER A 159 -4.58 -0.68 0.13
N LYS A 160 -5.01 -1.24 1.26
CA LYS A 160 -5.37 -0.42 2.42
CA LYS A 160 -5.37 -0.44 2.43
C LYS A 160 -4.15 0.14 3.11
N PHE A 161 -3.06 -0.64 3.15
CA PHE A 161 -1.78 -0.12 3.63
C PHE A 161 -1.31 1.03 2.74
N ALA A 162 -1.44 0.85 1.42
CA ALA A 162 -1.07 1.90 0.46
C ALA A 162 -1.78 3.23 0.76
N LEU A 163 -3.06 3.16 1.11
CA LEU A 163 -3.79 4.37 1.49
C LEU A 163 -3.26 5.03 2.74
N GLU A 164 -2.84 4.23 3.71
CA GLU A 164 -2.19 4.78 4.90
C GLU A 164 -0.97 5.60 4.51
N GLY A 165 -0.13 5.00 3.66
CA GLY A 165 1.09 5.67 3.19
C GLY A 165 0.82 6.91 2.37
N LEU A 166 -0.11 6.82 1.42
CA LEU A 166 -0.53 7.95 0.61
C LEU A 166 -1.02 9.09 1.47
N CYS A 167 -1.96 8.78 2.35
CA CYS A 167 -2.63 9.79 3.17
C CYS A 167 -1.71 10.41 4.20
N GLU A 168 -0.86 9.59 4.83
CA GLU A 168 0.07 10.09 5.83
C GLU A 168 1.09 11.02 5.18
N SER A 169 1.59 10.64 4.00
CA SER A 169 2.57 11.47 3.28
C SER A 169 1.96 12.84 2.96
N LEU A 170 0.74 12.82 2.45
CA LEU A 170 0.01 14.03 2.16
C LEU A 170 -0.25 14.85 3.41
N ALA A 171 -0.65 14.20 4.51
CA ALA A 171 -0.96 14.91 5.76
C ALA A 171 0.24 15.68 6.31
N VAL A 172 1.44 15.11 6.16
CA VAL A 172 2.64 15.80 6.59
C VAL A 172 2.78 17.15 5.84
N LEU A 173 2.61 17.14 4.53
CA LEU A 173 2.63 18.40 3.73
C LEU A 173 1.45 19.31 4.03
N LEU A 174 0.25 18.75 4.14
CA LEU A 174 -0.95 19.57 4.33
C LEU A 174 -1.11 20.23 5.70
N LEU A 175 -0.26 19.89 6.68
CA LEU A 175 -0.46 20.27 8.08
C LEU A 175 -0.80 21.74 8.27
N PRO A 176 -0.07 22.67 7.60
CA PRO A 176 -0.37 24.08 7.78
C PRO A 176 -1.10 24.75 6.59
N PHE A 177 -1.72 23.96 5.71
CA PHE A 177 -2.48 24.49 4.56
C PHE A 177 -3.93 24.90 4.92
N GLY A 178 -4.42 24.47 6.08
CA GLY A 178 -5.85 24.59 6.41
C GLY A 178 -6.74 23.51 5.81
N VAL A 179 -6.13 22.54 5.10
CA VAL A 179 -6.83 21.44 4.48
C VAL A 179 -6.52 20.22 5.35
N HIS A 180 -7.56 19.48 5.74
CA HIS A 180 -7.40 18.46 6.76
C HIS A 180 -7.79 17.09 6.22
N LEU A 181 -6.82 16.18 6.21
CA LEU A 181 -7.04 14.82 5.72
C LEU A 181 -7.15 13.88 6.92
N SER A 182 -8.17 13.04 6.91
CA SER A 182 -8.34 12.04 7.97
C SER A 182 -8.72 10.70 7.36
N LEU A 183 -8.12 9.65 7.89
CA LEU A 183 -8.51 8.28 7.64
C LEU A 183 -9.54 7.85 8.71
N ILE A 184 -10.63 7.24 8.28
CA ILE A 184 -11.60 6.67 9.20
C ILE A 184 -11.40 5.15 9.19
N GLU A 185 -10.84 4.60 10.28
CA GLU A 185 -10.43 3.20 10.33
C GLU A 185 -11.55 2.31 10.81
N CYS A 186 -12.12 1.54 9.87
CA CYS A 186 -13.25 0.65 10.13
C CYS A 186 -12.78 -0.79 10.31
N GLY A 187 -13.45 -1.50 11.21
CA GLY A 187 -13.34 -2.96 11.28
C GLY A 187 -14.43 -3.50 10.37
N PRO A 188 -14.95 -4.70 10.68
CA PRO A 188 -16.13 -5.21 9.96
C PRO A 188 -17.37 -4.32 10.14
N VAL A 189 -18.18 -4.21 9.08
CA VAL A 189 -19.40 -3.39 9.06
C VAL A 189 -20.58 -4.14 8.39
N HIS A 190 -21.76 -4.14 9.02
CA HIS A 190 -23.01 -4.59 8.35
C HIS A 190 -23.34 -3.64 7.20
N THR A 191 -23.51 -4.18 5.99
CA THR A 191 -23.66 -3.33 4.80
C THR A 191 -25.13 -3.13 4.41
N GLY A 199 -13.43 -16.61 -6.65
CA GLY A 199 -13.50 -17.82 -7.48
C GLY A 199 -14.33 -18.94 -6.86
N SER A 200 -14.78 -19.87 -7.72
CA SER A 200 -15.51 -21.06 -7.28
C SER A 200 -14.57 -22.07 -6.57
N PRO A 201 -15.12 -22.97 -5.72
CA PRO A 201 -14.24 -23.90 -5.02
C PRO A 201 -13.42 -24.86 -5.91
N GLU A 202 -13.91 -25.21 -7.11
CA GLU A 202 -13.10 -25.91 -8.13
C GLU A 202 -11.85 -25.14 -8.51
N GLU A 203 -12.08 -23.87 -8.82
CA GLU A 203 -11.05 -22.92 -9.23
C GLU A 203 -9.98 -22.79 -8.15
N VAL A 204 -10.44 -22.60 -6.90
CA VAL A 204 -9.54 -22.47 -5.76
C VAL A 204 -8.73 -23.74 -5.56
N LEU A 205 -9.37 -24.91 -5.66
CA LEU A 205 -8.65 -26.17 -5.50
C LEU A 205 -7.62 -26.37 -6.63
N ASP A 206 -8.03 -26.06 -7.86
CA ASP A 206 -7.14 -26.19 -9.05
C ASP A 206 -5.89 -25.30 -8.95
N ARG A 207 -6.03 -24.16 -8.28
CA ARG A 207 -5.01 -23.10 -8.31
C ARG A 207 -4.14 -23.02 -7.06
N THR A 208 -4.42 -23.85 -6.05
CA THR A 208 -3.57 -23.90 -4.89
C THR A 208 -3.30 -25.33 -4.46
N ASP A 209 -2.47 -25.50 -3.44
CA ASP A 209 -2.18 -26.82 -2.85
C ASP A 209 -3.26 -27.19 -1.85
N ILE A 210 -3.28 -28.47 -1.47
CA ILE A 210 -4.36 -29.00 -0.64
C ILE A 210 -4.37 -28.41 0.78
N HIS A 211 -3.19 -28.10 1.31
CA HIS A 211 -3.12 -27.53 2.66
C HIS A 211 -3.66 -26.10 2.69
N THR A 212 -3.29 -25.29 1.70
CA THR A 212 -3.82 -23.93 1.55
C THR A 212 -5.33 -23.98 1.33
N PHE A 213 -5.78 -24.88 0.46
CA PHE A 213 -7.22 -25.06 0.23
C PHE A 213 -7.96 -25.26 1.55
N HIS A 214 -7.43 -26.13 2.41
CA HIS A 214 -8.03 -26.36 3.73
C HIS A 214 -8.01 -25.11 4.62
N ARG A 215 -6.84 -24.48 4.74
CA ARG A 215 -6.67 -23.27 5.55
C ARG A 215 -7.58 -22.14 5.10
N PHE A 216 -7.84 -22.05 3.79
CA PHE A 216 -8.74 -21.03 3.27
C PHE A 216 -10.18 -21.20 3.78
N TYR A 217 -10.69 -22.43 3.77
CA TYR A 217 -12.04 -22.68 4.29
C TYR A 217 -12.08 -22.68 5.82
N GLN A 218 -10.97 -22.96 6.48
CA GLN A 218 -10.81 -22.68 7.93
C GLN A 218 -10.95 -21.18 8.23
N TYR A 219 -10.21 -20.38 7.47
CA TYR A 219 -10.29 -18.92 7.56
C TYR A 219 -11.74 -18.43 7.35
N LEU A 220 -12.41 -18.90 6.29
CA LEU A 220 -13.78 -18.48 6.02
C LEU A 220 -14.76 -18.81 7.16
N ALA A 221 -14.55 -19.94 7.83
CA ALA A 221 -15.31 -20.28 9.04
C ALA A 221 -15.03 -19.28 10.17
N HIS A 222 -13.76 -19.03 10.46
CA HIS A 222 -13.38 -18.07 11.51
C HIS A 222 -13.84 -16.64 11.18
N SER A 223 -13.79 -16.26 9.91
CA SER A 223 -14.19 -14.92 9.48
C SER A 223 -15.71 -14.66 9.64
N LYS A 224 -16.53 -15.66 9.34
CA LYS A 224 -17.99 -15.56 9.57
C LYS A 224 -18.33 -15.38 11.06
N GLN A 225 -17.58 -16.07 11.92
CA GLN A 225 -17.77 -15.97 13.36
C GLN A 225 -17.44 -14.57 13.89
N VAL A 226 -16.26 -14.07 13.53
CA VAL A 226 -15.86 -12.73 13.92
C VAL A 226 -16.82 -11.67 13.35
N PHE A 227 -17.23 -11.82 12.09
CA PHE A 227 -18.16 -10.89 11.45
C PHE A 227 -19.50 -10.80 12.22
N ARG A 228 -20.06 -11.96 12.55
CA ARG A 228 -21.26 -12.01 13.40
C ARG A 228 -21.08 -11.26 14.73
N GLU A 229 -19.93 -11.45 15.37
CA GLU A 229 -19.61 -10.82 16.67
C GLU A 229 -19.30 -9.34 16.59
N ALA A 230 -18.55 -8.95 15.56
CA ALA A 230 -17.87 -7.65 15.53
C ALA A 230 -18.39 -6.67 14.48
N ALA A 231 -19.28 -7.10 13.58
CA ALA A 231 -19.76 -6.20 12.51
C ALA A 231 -20.58 -5.05 13.10
N GLN A 232 -20.15 -3.82 12.83
CA GLN A 232 -20.79 -2.61 13.36
C GLN A 232 -21.97 -2.15 12.52
N ASN A 233 -22.91 -1.48 13.17
CA ASN A 233 -23.99 -0.83 12.43
C ASN A 233 -23.40 0.29 11.55
N PRO A 234 -23.82 0.36 10.28
CA PRO A 234 -23.29 1.40 9.38
C PRO A 234 -23.60 2.83 9.84
N GLU A 235 -24.69 3.00 10.59
CA GLU A 235 -25.02 4.28 11.20
C GLU A 235 -23.96 4.69 12.20
N GLU A 236 -23.48 3.75 13.00
CA GLU A 236 -22.45 4.05 13.98
C GLU A 236 -21.16 4.47 13.28
N VAL A 237 -20.84 3.76 12.20
CA VAL A 237 -19.63 4.07 11.40
C VAL A 237 -19.77 5.44 10.74
N ALA A 238 -20.92 5.70 10.11
CA ALA A 238 -21.15 6.99 9.49
C ALA A 238 -20.97 8.13 10.47
N GLU A 239 -21.40 7.94 11.72
CA GLU A 239 -21.31 9.01 12.69
C GLU A 239 -19.88 9.41 13.03
N VAL A 240 -18.93 8.48 12.86
CA VAL A 240 -17.49 8.78 13.10
C VAL A 240 -16.99 9.77 12.04
N PHE A 241 -17.45 9.60 10.79
CA PHE A 241 -17.15 10.58 9.72
C PHE A 241 -17.64 11.97 10.16
N LEU A 242 -18.87 12.04 10.69
CA LEU A 242 -19.43 13.31 11.15
C LEU A 242 -18.61 13.93 12.28
N THR A 243 -18.16 13.09 13.21
CA THR A 243 -17.31 13.55 14.32
C THR A 243 -16.01 14.14 13.80
N ALA A 244 -15.39 13.47 12.83
CA ALA A 244 -14.17 14.00 12.21
C ALA A 244 -14.40 15.35 11.55
N LEU A 245 -15.55 15.53 10.89
CA LEU A 245 -15.93 16.85 10.33
C LEU A 245 -16.20 17.92 11.36
N ARG A 246 -16.85 17.56 12.47
CA ARG A 246 -17.09 18.52 13.58
C ARG A 246 -15.77 19.06 14.18
N ALA A 247 -14.74 18.23 14.21
CA ALA A 247 -13.51 18.58 14.90
C ALA A 247 -12.81 19.79 14.25
N PRO A 248 -12.47 20.82 15.05
CA PRO A 248 -11.73 21.95 14.46
C PRO A 248 -10.27 21.61 14.14
N LYS A 249 -9.67 20.64 14.83
CA LYS A 249 -8.32 20.16 14.51
C LYS A 249 -8.37 18.63 14.37
N PRO A 250 -8.88 18.15 13.21
CA PRO A 250 -9.06 16.70 13.10
C PRO A 250 -7.73 15.94 13.07
N THR A 251 -7.71 14.78 13.70
CA THR A 251 -6.52 13.95 13.73
C THR A 251 -6.37 13.22 12.38
N LEU A 252 -5.19 12.66 12.14
CA LEU A 252 -4.97 11.91 10.90
C LEU A 252 -5.83 10.63 10.85
N ARG A 253 -6.03 9.98 12.00
CA ARG A 253 -6.85 8.76 12.10
C ARG A 253 -7.93 8.87 13.12
N TYR A 254 -9.07 8.28 12.79
CA TYR A 254 -10.14 8.01 13.74
C TYR A 254 -10.42 6.52 13.64
N PHE A 255 -10.80 5.92 14.76
CA PHE A 255 -11.11 4.50 14.78
C PHE A 255 -12.58 4.38 15.07
N THR A 256 -13.28 3.52 14.32
CA THR A 256 -14.70 3.29 14.59
C THR A 256 -14.95 2.34 15.76
N THR A 257 -13.91 1.64 16.20
CA THR A 257 -13.98 0.70 17.32
C THR A 257 -12.61 0.63 17.99
N GLU A 258 -12.59 0.39 19.31
CA GLU A 258 -11.34 0.10 20.05
C GLU A 258 -10.99 -1.38 20.04
N ARG A 259 -11.82 -2.24 19.43
CA ARG A 259 -11.63 -3.70 19.46
C ARG A 259 -10.21 -4.18 19.09
N PHE A 260 -9.55 -3.51 18.14
CA PHE A 260 -8.24 -3.94 17.64
C PHE A 260 -7.02 -3.11 18.11
N LEU A 261 -7.24 -2.07 18.92
CA LEU A 261 -6.12 -1.25 19.43
C LEU A 261 -5.13 -2.01 20.34
N PRO A 262 -5.60 -3.04 21.08
CA PRO A 262 -4.66 -3.97 21.74
C PRO A 262 -3.69 -4.68 20.78
N LEU A 263 -4.21 -5.28 19.71
CA LEU A 263 -3.36 -5.88 18.67
C LEU A 263 -2.40 -4.85 18.06
N LEU A 264 -2.91 -3.65 17.79
CA LEU A 264 -2.11 -2.56 17.25
C LEU A 264 -1.01 -2.09 18.21
N ARG A 265 -1.29 -2.01 19.51
CA ARG A 265 -0.28 -1.71 20.54
C ARG A 265 0.80 -2.80 20.58
N MET A 266 0.36 -4.04 20.69
CA MET A 266 1.23 -5.22 20.71
C MET A 266 2.12 -5.29 19.47
N ARG A 267 1.49 -5.23 18.30
CA ARG A 267 2.19 -5.19 17.00
C ARG A 267 3.37 -4.22 16.99
N LEU A 268 3.13 -3.03 17.53
CA LEU A 268 4.09 -1.93 17.47
C LEU A 268 5.08 -1.85 18.65
N ASP A 269 4.92 -2.73 19.64
CA ASP A 269 6.01 -3.03 20.60
C ASP A 269 7.17 -3.80 19.94
N ASP A 270 6.87 -4.57 18.90
CA ASP A 270 7.82 -5.51 18.31
C ASP A 270 8.30 -5.03 16.92
N PRO A 271 9.39 -4.25 16.88
CA PRO A 271 9.90 -3.76 15.59
C PRO A 271 10.28 -4.86 14.58
N SER A 272 10.70 -6.03 15.07
CA SER A 272 11.00 -7.20 14.22
C SER A 272 9.77 -7.72 13.48
N GLY A 273 8.58 -7.48 14.04
CA GLY A 273 7.32 -7.83 13.40
C GLY A 273 6.77 -9.23 13.61
N SER A 274 7.55 -10.13 14.21
CA SER A 274 7.18 -11.56 14.25
C SER A 274 6.20 -11.93 15.37
N ASN A 275 6.15 -11.15 16.45
CA ASN A 275 5.16 -11.37 17.52
C ASN A 275 3.72 -11.24 16.98
N TYR A 276 3.49 -10.22 16.16
CA TYR A 276 2.18 -10.05 15.50
C TYR A 276 1.85 -11.27 14.64
N VAL A 277 2.79 -11.67 13.78
CA VAL A 277 2.59 -12.82 12.91
C VAL A 277 2.11 -14.04 13.72
N THR A 278 2.81 -14.31 14.83
CA THR A 278 2.46 -15.43 15.71
C THR A 278 1.05 -15.30 16.33
N ALA A 279 0.79 -14.13 16.91
CA ALA A 279 -0.50 -13.87 17.54
C ALA A 279 -1.68 -13.96 16.57
N MET A 280 -1.52 -13.37 15.37
CA MET A 280 -2.61 -13.36 14.40
C MET A 280 -2.81 -14.75 13.77
N HIS A 281 -1.74 -15.52 13.61
CA HIS A 281 -1.88 -16.92 13.17
C HIS A 281 -2.70 -17.73 14.20
N ARG A 282 -2.41 -17.51 15.48
CA ARG A 282 -3.11 -18.23 16.56
C ARG A 282 -4.58 -17.80 16.67
N GLU A 283 -4.83 -16.49 16.53
CA GLU A 283 -6.20 -15.96 16.58
C GLU A 283 -7.08 -16.54 15.47
N VAL A 284 -6.53 -16.60 14.25
CA VAL A 284 -7.30 -17.05 13.08
C VAL A 284 -7.41 -18.57 12.98
N PHE A 285 -6.28 -19.27 13.12
CA PHE A 285 -6.22 -20.71 12.85
C PHE A 285 -6.22 -21.58 14.12
N GLY A 286 -6.49 -20.98 15.28
CA GLY A 286 -6.59 -21.71 16.55
C GLY A 286 -5.23 -22.03 17.12
N ALA B 2 23.47 -29.85 -2.17
CA ALA B 2 23.61 -28.85 -3.26
C ALA B 2 23.77 -27.42 -2.73
N ARG B 3 24.01 -26.50 -3.65
CA ARG B 3 24.10 -25.08 -3.33
C ARG B 3 22.71 -24.50 -3.04
N THR B 4 22.68 -23.37 -2.34
CA THR B 4 21.44 -22.63 -2.11
C THR B 4 21.14 -21.85 -3.39
N VAL B 5 19.95 -22.07 -3.95
CA VAL B 5 19.57 -21.42 -5.20
C VAL B 5 18.88 -20.11 -4.83
N VAL B 6 19.42 -19.00 -5.35
CA VAL B 6 18.94 -17.66 -5.03
C VAL B 6 18.55 -17.01 -6.34
N LEU B 7 17.34 -16.45 -6.41
CA LEU B 7 16.93 -15.69 -7.57
C LEU B 7 16.60 -14.27 -7.12
N ILE B 8 17.19 -13.30 -7.79
CA ILE B 8 17.11 -11.88 -7.40
C ILE B 8 16.61 -11.06 -8.58
N THR B 9 15.61 -10.21 -8.33
CA THR B 9 15.17 -9.24 -9.35
C THR B 9 15.88 -7.89 -9.23
N GLY B 10 15.95 -7.18 -10.35
CA GLY B 10 16.54 -5.84 -10.37
C GLY B 10 18.05 -5.83 -10.14
N CYS B 11 18.76 -6.65 -10.91
CA CYS B 11 20.20 -6.81 -10.73
C CYS B 11 21.08 -6.03 -11.70
N SER B 12 20.50 -5.11 -12.48
CA SER B 12 21.31 -4.29 -13.39
C SER B 12 22.22 -3.32 -12.63
N SER B 13 21.82 -2.93 -11.43
CA SER B 13 22.53 -1.90 -10.66
C SER B 13 22.15 -2.01 -9.22
N GLY B 14 22.83 -1.27 -8.35
CA GLY B 14 22.36 -1.04 -7.00
C GLY B 14 22.37 -2.26 -6.09
N ILE B 15 21.35 -2.36 -5.24
CA ILE B 15 21.29 -3.40 -4.22
C ILE B 15 21.34 -4.77 -4.88
N GLY B 16 20.53 -4.97 -5.92
CA GLY B 16 20.45 -6.25 -6.63
C GLY B 16 21.77 -6.72 -7.21
N LEU B 17 22.47 -5.81 -7.87
CA LEU B 17 23.79 -6.10 -8.44
C LEU B 17 24.77 -6.53 -7.35
N HIS B 18 24.84 -5.73 -6.29
CA HIS B 18 25.79 -5.96 -5.21
C HIS B 18 25.54 -7.26 -4.44
N LEU B 19 24.27 -7.56 -4.17
CA LEU B 19 23.90 -8.81 -3.52
C LEU B 19 24.22 -10.03 -4.40
N ALA B 20 23.86 -9.95 -5.68
CA ALA B 20 24.13 -11.04 -6.64
C ALA B 20 25.61 -11.44 -6.62
N VAL B 21 26.49 -10.45 -6.76
CA VAL B 21 27.93 -10.74 -6.85
C VAL B 21 28.53 -11.06 -5.48
N ARG B 22 27.99 -10.47 -4.41
CA ARG B 22 28.41 -10.84 -3.05
C ARG B 22 28.13 -12.33 -2.78
N LEU B 23 26.97 -12.83 -3.18
CA LEU B 23 26.63 -14.23 -2.95
C LEU B 23 27.41 -15.17 -3.86
N ALA B 24 27.56 -14.79 -5.13
CA ALA B 24 28.24 -15.63 -6.11
C ALA B 24 29.75 -15.73 -5.85
N SER B 25 30.34 -14.70 -5.25
CA SER B 25 31.78 -14.67 -4.96
C SER B 25 32.11 -15.21 -3.57
N ASP B 26 31.11 -15.73 -2.85
CA ASP B 26 31.33 -16.24 -1.49
C ASP B 26 32.38 -17.36 -1.51
N PRO B 27 33.42 -17.27 -0.63
CA PRO B 27 34.52 -18.26 -0.71
C PRO B 27 34.11 -19.73 -0.57
N SER B 28 33.07 -19.99 0.23
CA SER B 28 32.54 -21.35 0.43
C SER B 28 31.74 -21.89 -0.76
N GLN B 29 31.40 -21.02 -1.71
CA GLN B 29 30.61 -21.40 -2.89
C GLN B 29 29.28 -22.09 -2.52
N SER B 30 28.62 -21.56 -1.49
CA SER B 30 27.36 -22.06 -0.99
C SER B 30 26.16 -21.67 -1.85
N PHE B 31 26.31 -20.64 -2.69
CA PHE B 31 25.18 -20.05 -3.42
C PHE B 31 25.32 -20.19 -4.94
N LYS B 32 24.23 -20.57 -5.58
CA LYS B 32 24.05 -20.48 -7.02
C LYS B 32 23.08 -19.33 -7.23
N VAL B 33 23.50 -18.31 -7.98
CA VAL B 33 22.72 -17.08 -8.09
C VAL B 33 22.18 -16.88 -9.50
N TYR B 34 20.86 -16.77 -9.61
CA TYR B 34 20.19 -16.25 -10.79
C TYR B 34 19.90 -14.76 -10.61
N ALA B 35 20.66 -13.94 -11.33
CA ALA B 35 20.51 -12.50 -11.27
C ALA B 35 19.62 -12.10 -12.43
N THR B 36 18.46 -11.53 -12.14
CA THR B 36 17.52 -11.17 -13.21
C THR B 36 17.44 -9.65 -13.44
N LEU B 37 17.13 -9.29 -14.67
CA LEU B 37 17.18 -7.91 -15.12
C LEU B 37 15.95 -7.61 -15.97
N ARG B 38 15.39 -6.42 -15.87
CA ARG B 38 14.27 -6.02 -16.75
C ARG B 38 14.63 -6.24 -18.22
N ASP B 39 15.85 -5.83 -18.58
CA ASP B 39 16.37 -5.95 -19.93
C ASP B 39 17.78 -6.54 -19.86
N LEU B 40 17.96 -7.76 -20.37
CA LEU B 40 19.28 -8.43 -20.38
C LEU B 40 20.40 -7.60 -21.01
N LYS B 41 20.08 -6.75 -21.99
CA LYS B 41 21.08 -5.87 -22.64
C LYS B 41 21.85 -4.97 -21.66
N THR B 42 21.27 -4.67 -20.51
CA THR B 42 21.92 -3.81 -19.51
C THR B 42 22.88 -4.56 -18.54
N GLN B 43 23.12 -5.85 -18.74
CA GLN B 43 23.88 -6.69 -17.79
C GLN B 43 25.40 -6.45 -17.74
N GLY B 44 25.92 -5.51 -18.54
CA GLY B 44 27.37 -5.32 -18.64
C GLY B 44 28.01 -5.01 -17.30
N ARG B 45 27.43 -4.07 -16.57
CA ARG B 45 28.00 -3.65 -15.28
C ARG B 45 27.94 -4.79 -14.26
N LEU B 46 26.87 -5.56 -14.26
CA LEU B 46 26.78 -6.77 -13.40
C LEU B 46 27.96 -7.75 -13.62
N TRP B 47 28.25 -8.05 -14.88
CA TRP B 47 29.34 -8.99 -15.22
C TRP B 47 30.72 -8.42 -14.92
N GLU B 48 30.91 -7.12 -15.14
CA GLU B 48 32.15 -6.44 -14.72
C GLU B 48 32.38 -6.54 -13.21
N ALA B 49 31.33 -6.30 -12.42
CA ALA B 49 31.41 -6.47 -10.97
C ALA B 49 31.66 -7.94 -10.59
N ALA B 50 31.01 -8.87 -11.30
CA ALA B 50 31.19 -10.30 -11.04
C ALA B 50 32.64 -10.74 -11.33
N ARG B 51 33.15 -10.34 -12.49
CA ARG B 51 34.55 -10.63 -12.86
C ARG B 51 35.54 -9.95 -11.93
N ALA B 52 35.25 -8.73 -11.47
CA ALA B 52 36.10 -8.04 -10.50
C ALA B 52 36.27 -8.83 -9.20
N LEU B 53 35.27 -9.61 -8.80
CA LEU B 53 35.36 -10.49 -7.63
C LEU B 53 35.66 -11.96 -7.97
N ALA B 54 36.01 -12.24 -9.22
CA ALA B 54 36.34 -13.59 -9.69
C ALA B 54 35.26 -14.59 -9.33
N CYS B 55 34.00 -14.23 -9.59
CA CYS B 55 32.90 -15.16 -9.33
C CYS B 55 33.16 -16.41 -10.16
N PRO B 56 33.25 -17.60 -9.52
CA PRO B 56 33.56 -18.79 -10.32
C PRO B 56 32.52 -19.09 -11.40
N PRO B 57 32.94 -19.77 -12.48
CA PRO B 57 31.96 -20.16 -13.50
C PRO B 57 30.81 -20.98 -12.91
N GLY B 58 29.58 -20.70 -13.33
CA GLY B 58 28.41 -21.39 -12.82
C GLY B 58 27.84 -20.90 -11.49
N SER B 59 28.53 -19.98 -10.80
CA SER B 59 28.02 -19.38 -9.55
C SER B 59 26.94 -18.31 -9.80
N LEU B 60 26.97 -17.73 -11.00
CA LEU B 60 26.11 -16.62 -11.38
C LEU B 60 25.60 -16.83 -12.80
N GLU B 61 24.28 -16.71 -12.96
CA GLU B 61 23.62 -16.79 -14.27
CA GLU B 61 23.62 -16.80 -14.26
C GLU B 61 22.66 -15.62 -14.36
N THR B 62 22.51 -15.06 -15.56
CA THR B 62 21.54 -13.99 -15.79
C THR B 62 20.32 -14.44 -16.60
N LEU B 63 19.13 -13.95 -16.20
CA LEU B 63 17.88 -14.13 -16.95
C LEU B 63 17.23 -12.77 -17.12
N GLN B 64 16.47 -12.61 -18.20
CA GLN B 64 15.56 -11.49 -18.32
C GLN B 64 14.31 -11.80 -17.52
N LEU B 65 13.88 -10.85 -16.70
CA LEU B 65 12.64 -10.97 -15.96
C LEU B 65 12.09 -9.58 -15.76
N ASP B 66 10.99 -9.30 -16.45
CA ASP B 66 10.28 -8.02 -16.35
C ASP B 66 9.09 -8.28 -15.44
N VAL B 67 9.10 -7.67 -14.25
CA VAL B 67 8.06 -7.95 -13.26
C VAL B 67 6.67 -7.44 -13.64
N ARG B 68 6.56 -6.63 -14.70
CA ARG B 68 5.27 -6.18 -15.23
C ARG B 68 4.56 -7.22 -16.06
N ASP B 69 5.24 -8.31 -16.40
CA ASP B 69 4.74 -9.27 -17.37
C ASP B 69 4.80 -10.66 -16.79
N SER B 70 3.63 -11.21 -16.43
CA SER B 70 3.57 -12.55 -15.85
C SER B 70 4.16 -13.64 -16.75
N LYS B 71 4.13 -13.45 -18.06
CA LYS B 71 4.77 -14.38 -19.01
C LYS B 71 6.29 -14.35 -18.89
N SER B 72 6.85 -13.17 -18.69
CA SER B 72 8.29 -13.00 -18.42
C SER B 72 8.66 -13.68 -17.10
N VAL B 73 7.85 -13.47 -16.05
CA VAL B 73 8.08 -14.11 -14.75
C VAL B 73 8.08 -15.63 -14.88
N ALA B 74 7.08 -16.17 -15.58
CA ALA B 74 6.96 -17.61 -15.81
C ALA B 74 8.13 -18.15 -16.61
N ALA B 75 8.52 -17.48 -17.68
CA ALA B 75 9.64 -17.94 -18.51
C ALA B 75 10.94 -18.01 -17.69
N ALA B 76 11.14 -17.04 -16.79
CA ALA B 76 12.32 -17.03 -15.92
C ALA B 76 12.31 -18.18 -14.92
N ARG B 77 11.16 -18.40 -14.27
CA ARG B 77 10.99 -19.50 -13.32
C ARG B 77 11.38 -20.84 -13.97
N GLU B 78 10.91 -21.04 -15.20
CA GLU B 78 11.16 -22.30 -15.95
C GLU B 78 12.63 -22.52 -16.30
N ARG B 79 13.41 -21.44 -16.46
CA ARG B 79 14.87 -21.53 -16.74
C ARG B 79 15.71 -21.96 -15.53
N VAL B 80 15.17 -21.93 -14.31
CA VAL B 80 15.92 -22.36 -13.14
C VAL B 80 16.10 -23.88 -13.26
N THR B 81 17.31 -24.28 -13.65
CA THR B 81 17.58 -25.67 -14.04
C THR B 81 17.49 -26.64 -12.87
N GLU B 82 17.70 -26.15 -11.65
CA GLU B 82 17.61 -27.00 -10.45
C GLU B 82 16.18 -27.36 -10.12
N GLY B 83 15.23 -26.63 -10.70
CA GLY B 83 13.82 -26.85 -10.46
C GLY B 83 13.34 -26.42 -9.09
N ARG B 84 14.12 -25.59 -8.39
CA ARG B 84 13.74 -25.05 -7.09
CA ARG B 84 13.72 -25.03 -7.11
C ARG B 84 14.44 -23.71 -6.87
N VAL B 85 13.82 -22.85 -6.07
CA VAL B 85 14.45 -21.62 -5.61
C VAL B 85 14.41 -21.68 -4.08
N ASP B 86 15.59 -21.61 -3.45
CA ASP B 86 15.68 -21.64 -2.01
C ASP B 86 15.45 -20.25 -1.40
N VAL B 87 16.01 -19.21 -2.04
CA VAL B 87 15.86 -17.82 -1.59
C VAL B 87 15.39 -16.97 -2.77
N LEU B 88 14.23 -16.35 -2.62
CA LEU B 88 13.72 -15.42 -3.64
C LEU B 88 13.91 -14.02 -3.12
N VAL B 89 14.52 -13.16 -3.91
CA VAL B 89 14.76 -11.77 -3.52
C VAL B 89 13.97 -10.83 -4.45
N CYS B 90 12.91 -10.24 -3.93
CA CYS B 90 12.07 -9.31 -4.69
C CYS B 90 12.58 -7.92 -4.43
N ASN B 91 13.38 -7.44 -5.37
CA ASN B 91 14.13 -6.19 -5.19
C ASN B 91 13.76 -5.12 -6.23
N ALA B 92 13.23 -5.51 -7.37
CA ALA B 92 12.77 -4.56 -8.41
C ALA B 92 11.85 -3.44 -7.88
N GLY B 93 12.19 -2.19 -8.17
CA GLY B 93 11.41 -1.08 -7.65
C GLY B 93 11.69 0.26 -8.32
N LEU B 94 10.67 1.12 -8.35
CA LEU B 94 10.76 2.48 -8.92
C LEU B 94 10.48 3.49 -7.83
N GLY B 95 11.05 4.68 -7.97
CA GLY B 95 10.73 5.81 -7.11
C GLY B 95 9.79 6.76 -7.84
N LEU B 96 9.15 7.67 -7.11
CA LEU B 96 8.38 8.73 -7.76
C LEU B 96 8.25 9.89 -6.79
N LEU B 97 8.79 11.02 -7.21
CA LEU B 97 8.97 12.18 -6.33
C LEU B 97 8.23 13.35 -6.97
N GLY B 98 7.42 14.04 -6.18
CA GLY B 98 6.81 15.30 -6.62
C GLY B 98 5.49 15.58 -5.93
N PRO B 99 4.94 16.79 -6.10
CA PRO B 99 3.61 17.08 -5.58
C PRO B 99 2.62 16.16 -6.27
N LEU B 100 1.76 15.50 -5.49
CA LEU B 100 0.85 14.48 -6.03
C LEU B 100 0.14 14.95 -7.29
N GLU B 101 -0.39 16.17 -7.25
CA GLU B 101 -1.20 16.68 -8.35
C GLU B 101 -0.37 17.04 -9.61
N ALA B 102 0.96 17.07 -9.50
CA ALA B 102 1.84 17.29 -10.63
C ALA B 102 2.32 16.00 -11.30
N LEU B 103 1.95 14.84 -10.77
CA LEU B 103 2.36 13.53 -11.29
C LEU B 103 1.38 13.00 -12.33
N GLY B 104 1.88 12.38 -13.39
CA GLY B 104 1.03 11.80 -14.40
C GLY B 104 0.37 10.52 -13.90
N GLU B 105 -0.89 10.30 -14.27
CA GLU B 105 -1.60 9.12 -13.76
C GLU B 105 -0.95 7.82 -14.24
N ASP B 106 -0.40 7.85 -15.46
CA ASP B 106 0.33 6.68 -15.98
C ASP B 106 1.60 6.39 -15.19
N ALA B 107 2.32 7.43 -14.77
CA ALA B 107 3.51 7.26 -13.94
C ALA B 107 3.13 6.67 -12.55
N VAL B 108 2.01 7.11 -12.00
CA VAL B 108 1.49 6.60 -10.72
C VAL B 108 1.17 5.12 -10.83
N ALA B 109 0.46 4.80 -11.90
CA ALA B 109 0.04 3.42 -12.19
C ALA B 109 1.23 2.51 -12.40
N SER B 110 2.26 2.99 -13.09
CA SER B 110 3.47 2.22 -13.33
C SER B 110 4.25 1.91 -12.05
N VAL B 111 4.32 2.87 -11.13
CA VAL B 111 4.96 2.62 -9.84
C VAL B 111 4.27 1.50 -9.07
N LEU B 112 2.93 1.56 -8.97
CA LEU B 112 2.19 0.52 -8.27
C LEU B 112 2.28 -0.83 -9.01
N ASP B 113 2.26 -0.80 -10.35
CA ASP B 113 2.38 -2.03 -11.14
C ASP B 113 3.72 -2.74 -10.95
N VAL B 114 4.82 -1.98 -10.99
CA VAL B 114 6.14 -2.55 -10.78
C VAL B 114 6.34 -2.92 -9.34
N ASN B 115 6.12 -1.98 -8.40
CA ASN B 115 6.53 -2.21 -7.02
C ASN B 115 5.61 -3.19 -6.30
N VAL B 116 4.30 -3.10 -6.57
CA VAL B 116 3.33 -3.86 -5.83
C VAL B 116 2.88 -5.06 -6.65
N VAL B 117 2.27 -4.82 -7.80
CA VAL B 117 1.73 -5.93 -8.60
C VAL B 117 2.86 -6.85 -9.06
N GLY B 118 4.00 -6.26 -9.44
CA GLY B 118 5.18 -7.01 -9.81
C GLY B 118 5.65 -7.96 -8.72
N THR B 119 5.60 -7.50 -7.48
CA THR B 119 5.97 -8.36 -6.37
C THR B 119 4.93 -9.47 -6.16
N VAL B 120 3.66 -9.13 -6.33
CA VAL B 120 2.59 -10.12 -6.31
C VAL B 120 2.86 -11.19 -7.37
N ARG B 121 3.18 -10.78 -8.59
CA ARG B 121 3.46 -11.74 -9.67
C ARG B 121 4.59 -12.71 -9.32
N MET B 122 5.66 -12.17 -8.72
CA MET B 122 6.77 -12.98 -8.26
C MET B 122 6.31 -14.00 -7.23
N LEU B 123 5.55 -13.54 -6.24
CA LEU B 123 5.09 -14.42 -5.18
C LEU B 123 4.11 -15.48 -5.72
N GLN B 124 3.18 -15.06 -6.57
CA GLN B 124 2.27 -16.02 -7.22
C GLN B 124 3.02 -17.15 -7.96
N ALA B 125 4.12 -16.82 -8.63
CA ALA B 125 4.84 -17.80 -9.43
C ALA B 125 5.77 -18.69 -8.59
N PHE B 126 6.37 -18.15 -7.53
CA PHE B 126 7.39 -18.91 -6.76
C PHE B 126 6.94 -19.50 -5.43
N LEU B 127 5.94 -18.92 -4.78
CA LEU B 127 5.47 -19.47 -3.51
C LEU B 127 4.94 -20.90 -3.61
N PRO B 128 4.18 -21.24 -4.68
CA PRO B 128 3.56 -22.58 -4.70
C PRO B 128 4.53 -23.72 -4.53
N ASP B 129 5.65 -23.68 -5.26
CA ASP B 129 6.69 -24.72 -5.11
C ASP B 129 7.30 -24.73 -3.71
N MET B 130 7.45 -23.56 -3.08
CA MET B 130 8.01 -23.48 -1.72
C MET B 130 7.05 -24.05 -0.70
N LYS B 131 5.77 -23.73 -0.86
CA LYS B 131 4.72 -24.26 0.01
C LYS B 131 4.63 -25.78 -0.15
N ARG B 132 4.59 -26.27 -1.39
CA ARG B 132 4.50 -27.71 -1.64
C ARG B 132 5.66 -28.50 -1.04
N ARG B 133 6.89 -28.03 -1.19
CA ARG B 133 8.02 -28.74 -0.59
C ARG B 133 8.25 -28.37 0.91
N GLY B 134 7.55 -27.36 1.41
CA GLY B 134 7.58 -27.05 2.84
C GLY B 134 8.81 -26.32 3.34
N SER B 135 9.48 -25.58 2.46
CA SER B 135 10.62 -24.73 2.84
C SER B 135 10.87 -23.66 1.78
N GLY B 136 11.61 -22.63 2.15
CA GLY B 136 11.82 -21.46 1.28
C GLY B 136 11.89 -20.16 2.05
N ARG B 137 12.69 -19.23 1.51
CA ARG B 137 12.85 -17.92 2.10
C ARG B 137 12.56 -16.90 1.01
N VAL B 138 11.85 -15.83 1.38
CA VAL B 138 11.62 -14.71 0.47
C VAL B 138 12.06 -13.43 1.16
N LEU B 139 12.94 -12.66 0.52
CA LEU B 139 13.40 -11.38 1.01
C LEU B 139 12.88 -10.29 0.06
N VAL B 140 12.32 -9.24 0.62
CA VAL B 140 11.71 -8.16 -0.18
C VAL B 140 12.38 -6.85 0.21
N THR B 141 12.85 -6.10 -0.78
CA THR B 141 13.40 -4.76 -0.54
C THR B 141 12.28 -3.80 -0.07
N GLY B 142 12.36 -3.38 1.20
CA GLY B 142 11.41 -2.45 1.77
C GLY B 142 12.06 -1.10 1.98
N SER B 143 11.36 -0.22 2.66
CA SER B 143 11.84 1.11 2.93
C SER B 143 11.30 1.57 4.25
N VAL B 144 12.07 2.41 4.94
CA VAL B 144 11.47 3.13 6.06
C VAL B 144 10.26 3.98 5.58
N GLY B 145 10.23 4.37 4.30
CA GLY B 145 9.05 4.96 3.69
C GLY B 145 7.83 4.05 3.51
N GLY B 146 7.97 2.76 3.83
CA GLY B 146 6.81 1.87 3.94
C GLY B 146 6.27 1.80 5.36
N LEU B 147 6.98 2.42 6.32
CA LEU B 147 6.61 2.40 7.73
C LEU B 147 6.17 3.77 8.25
N MET B 148 6.59 4.83 7.55
CA MET B 148 6.16 6.17 7.88
C MET B 148 6.07 6.99 6.59
N GLY B 149 5.04 7.84 6.53
CA GLY B 149 4.75 8.62 5.32
C GLY B 149 5.70 9.79 5.13
N LEU B 150 6.10 10.05 3.89
CA LEU B 150 7.14 11.04 3.59
C LEU B 150 6.58 12.06 2.61
N PRO B 151 6.63 13.37 2.97
CA PRO B 151 6.00 14.36 2.10
C PRO B 151 6.64 14.35 0.70
N PHE B 152 5.82 14.62 -0.32
CA PHE B 152 6.21 14.55 -1.74
C PHE B 152 6.64 13.18 -2.28
N ASN B 153 6.49 12.12 -1.48
CA ASN B 153 6.79 10.74 -1.89
C ASN B 153 5.53 9.90 -1.70
N ASP B 154 4.37 10.51 -1.93
CA ASP B 154 3.08 9.94 -1.53
C ASP B 154 2.86 8.58 -2.22
N VAL B 155 3.14 8.53 -3.52
CA VAL B 155 2.98 7.30 -4.31
C VAL B 155 4.07 6.27 -4.04
N TYR B 156 5.31 6.72 -3.91
CA TYR B 156 6.40 5.84 -3.51
C TYR B 156 6.10 5.20 -2.14
N CYS B 157 5.69 6.03 -1.16
CA CYS B 157 5.27 5.53 0.15
C CYS B 157 4.07 4.59 0.06
N ALA B 158 3.10 4.96 -0.77
CA ALA B 158 1.93 4.09 -0.98
C ALA B 158 2.41 2.68 -1.36
N SER B 159 3.35 2.62 -2.30
CA SER B 159 3.87 1.34 -2.81
C SER B 159 4.68 0.56 -1.75
N LYS B 160 5.47 1.27 -0.94
CA LYS B 160 6.27 0.63 0.11
C LYS B 160 5.42 0.18 1.29
N PHE B 161 4.44 0.98 1.70
CA PHE B 161 3.41 0.52 2.64
C PHE B 161 2.67 -0.71 2.10
N ALA B 162 2.32 -0.69 0.82
CA ALA B 162 1.63 -1.84 0.20
C ALA B 162 2.38 -3.16 0.39
N LEU B 163 3.70 -3.12 0.24
CA LEU B 163 4.53 -4.31 0.43
C LEU B 163 4.56 -4.80 1.87
N GLU B 164 4.48 -3.87 2.81
CA GLU B 164 4.30 -4.21 4.23
C GLU B 164 3.04 -5.05 4.44
N GLY B 165 1.91 -4.55 3.93
CA GLY B 165 0.65 -5.27 4.08
C GLY B 165 0.61 -6.62 3.39
N LEU B 166 1.08 -6.67 2.15
CA LEU B 166 1.19 -7.91 1.38
C LEU B 166 2.00 -8.95 2.13
N CYS B 167 3.19 -8.56 2.59
CA CYS B 167 4.11 -9.48 3.22
C CYS B 167 3.64 -9.92 4.57
N GLU B 168 3.07 -9.01 5.35
CA GLU B 168 2.55 -9.36 6.65
C GLU B 168 1.39 -10.35 6.60
N SER B 169 0.45 -10.10 5.68
CA SER B 169 -0.69 -10.99 5.45
C SER B 169 -0.25 -12.41 5.08
N LEU B 170 0.71 -12.50 4.17
CA LEU B 170 1.24 -13.78 3.74
C LEU B 170 1.97 -14.49 4.87
N ALA B 171 2.73 -13.73 5.65
CA ALA B 171 3.52 -14.30 6.75
C ALA B 171 2.63 -15.00 7.77
N VAL B 172 1.42 -14.49 7.99
CA VAL B 172 0.48 -15.14 8.89
C VAL B 172 0.08 -16.52 8.38
N LEU B 173 -0.19 -16.62 7.08
CA LEU B 173 -0.53 -17.89 6.46
C LEU B 173 0.64 -18.84 6.40
N LEU B 174 1.82 -18.31 6.11
CA LEU B 174 3.00 -19.12 5.76
C LEU B 174 3.75 -19.75 6.95
N LEU B 175 3.48 -19.30 8.17
CA LEU B 175 4.12 -19.83 9.38
C LEU B 175 4.19 -21.37 9.41
N PRO B 176 3.03 -22.07 9.30
CA PRO B 176 3.07 -23.53 9.36
C PRO B 176 3.53 -24.24 8.07
N PHE B 177 3.75 -23.50 6.99
CA PHE B 177 4.30 -24.08 5.75
C PHE B 177 5.82 -24.14 5.80
N GLY B 178 6.44 -23.41 6.73
CA GLY B 178 7.88 -23.31 6.83
C GLY B 178 8.51 -22.45 5.76
N VAL B 179 7.74 -21.51 5.20
CA VAL B 179 8.22 -20.59 4.18
C VAL B 179 8.30 -19.23 4.86
N HIS B 180 9.46 -18.59 4.79
CA HIS B 180 9.76 -17.42 5.60
C HIS B 180 9.87 -16.18 4.74
N LEU B 181 9.14 -15.14 5.12
CA LEU B 181 9.12 -13.88 4.40
C LEU B 181 9.75 -12.79 5.28
N SER B 182 10.67 -12.01 4.72
CA SER B 182 11.33 -10.88 5.40
C SER B 182 11.44 -9.62 4.53
N LEU B 183 11.15 -8.48 5.13
CA LEU B 183 11.35 -7.18 4.53
C LEU B 183 12.68 -6.61 5.00
N ILE B 184 13.49 -6.12 4.08
CA ILE B 184 14.74 -5.41 4.43
C ILE B 184 14.44 -3.92 4.33
N GLU B 185 14.32 -3.26 5.49
CA GLU B 185 13.86 -1.88 5.55
C GLU B 185 15.04 -0.92 5.39
N CYS B 186 15.19 -0.35 4.19
CA CYS B 186 16.26 0.59 3.88
C CYS B 186 15.86 2.00 4.21
N GLY B 187 16.83 2.78 4.67
CA GLY B 187 16.74 4.23 4.60
C GLY B 187 17.11 4.67 3.20
N PRO B 188 17.59 5.92 3.05
CA PRO B 188 18.06 6.37 1.74
C PRO B 188 19.29 5.57 1.29
N VAL B 189 19.39 5.34 -0.01
CA VAL B 189 20.48 4.58 -0.63
C VAL B 189 21.10 5.40 -1.76
N HIS B 190 22.43 5.41 -1.84
CA HIS B 190 23.16 6.05 -2.96
C HIS B 190 23.02 5.25 -4.26
N THR B 191 22.65 5.93 -5.34
CA THR B 191 22.59 5.32 -6.69
C THR B 191 23.69 5.87 -7.59
N GLY B 199 10.06 18.14 -13.03
CA GLY B 199 9.86 19.11 -14.11
C GLY B 199 10.49 20.47 -13.84
N SER B 200 10.32 21.39 -14.79
CA SER B 200 10.78 22.76 -14.64
C SER B 200 10.01 23.49 -13.52
N PRO B 201 10.68 24.40 -12.78
CA PRO B 201 10.01 25.16 -11.70
C PRO B 201 8.68 25.85 -12.05
N GLU B 202 8.57 26.44 -13.25
CA GLU B 202 7.31 27.03 -13.65
C GLU B 202 6.23 25.96 -13.94
N GLU B 203 6.64 24.79 -14.41
CA GLU B 203 5.71 23.67 -14.63
C GLU B 203 5.16 23.17 -13.29
N VAL B 204 6.02 23.12 -12.27
CA VAL B 204 5.64 22.76 -10.89
C VAL B 204 4.63 23.76 -10.32
N LEU B 205 4.93 25.06 -10.46
CA LEU B 205 4.03 26.10 -10.00
C LEU B 205 2.68 26.03 -10.70
N ASP B 206 2.70 25.92 -12.02
CA ASP B 206 1.47 25.92 -12.83
C ASP B 206 0.55 24.75 -12.45
N ARG B 207 1.14 23.60 -12.10
CA ARG B 207 0.39 22.39 -11.75
CA ARG B 207 0.37 22.39 -11.76
C ARG B 207 -0.03 22.33 -10.29
N THR B 208 0.51 23.23 -9.46
CA THR B 208 0.23 23.21 -8.02
C THR B 208 -0.23 24.61 -7.59
N ASP B 209 0.44 25.17 -6.60
CA ASP B 209 0.03 26.43 -6.02
C ASP B 209 1.22 27.02 -5.31
N ILE B 210 1.04 28.26 -4.88
CA ILE B 210 2.12 29.03 -4.32
C ILE B 210 2.69 28.36 -3.04
N HIS B 211 1.84 27.85 -2.15
CA HIS B 211 2.33 27.20 -0.92
C HIS B 211 3.10 25.92 -1.25
N THR B 212 2.49 25.07 -2.09
CA THR B 212 3.08 23.78 -2.47
C THR B 212 4.45 23.98 -3.13
N PHE B 213 4.52 24.95 -4.03
CA PHE B 213 5.76 25.32 -4.70
C PHE B 213 6.86 25.62 -3.68
N HIS B 214 6.59 26.48 -2.70
CA HIS B 214 7.57 26.79 -1.66
C HIS B 214 7.99 25.55 -0.91
N ARG B 215 7.01 24.74 -0.50
CA ARG B 215 7.33 23.56 0.28
C ARG B 215 8.16 22.57 -0.50
N PHE B 216 7.89 22.44 -1.80
CA PHE B 216 8.60 21.46 -2.61
C PHE B 216 10.09 21.78 -2.69
N TYR B 217 10.42 23.04 -2.98
CA TYR B 217 11.83 23.43 -3.04
C TYR B 217 12.51 23.39 -1.67
N GLN B 218 11.76 23.69 -0.60
CA GLN B 218 12.26 23.44 0.77
C GLN B 218 12.56 21.97 1.00
N TYR B 219 11.61 21.11 0.62
CA TYR B 219 11.81 19.67 0.74
C TYR B 219 13.08 19.19 0.02
N LEU B 220 13.23 19.58 -1.24
CA LEU B 220 14.39 19.18 -2.07
C LEU B 220 15.73 19.53 -1.43
N ALA B 221 15.84 20.77 -0.94
CA ALA B 221 17.04 21.20 -0.21
C ALA B 221 17.27 20.35 1.02
N HIS B 222 16.24 20.15 1.84
CA HIS B 222 16.39 19.33 3.03
C HIS B 222 16.74 17.88 2.71
N SER B 223 16.11 17.33 1.68
CA SER B 223 16.38 15.96 1.24
C SER B 223 17.83 15.73 0.81
N LYS B 224 18.32 16.63 -0.05
CA LYS B 224 19.75 16.67 -0.46
C LYS B 224 20.72 16.58 0.74
N GLN B 225 20.42 17.30 1.81
CA GLN B 225 21.22 17.25 3.04
C GLN B 225 21.14 15.88 3.73
N VAL B 226 19.94 15.30 3.82
CA VAL B 226 19.76 13.99 4.47
C VAL B 226 20.48 12.89 3.68
N PHE B 227 20.37 12.93 2.35
CA PHE B 227 21.11 11.99 1.50
C PHE B 227 22.63 12.08 1.71
N ARG B 228 23.14 13.31 1.84
CA ARG B 228 24.57 13.52 2.12
C ARG B 228 24.97 12.92 3.48
N GLU B 229 24.18 13.18 4.51
CA GLU B 229 24.45 12.69 5.87
C GLU B 229 24.21 11.19 6.05
N ALA B 230 23.09 10.70 5.49
CA ALA B 230 22.49 9.44 5.92
C ALA B 230 22.47 8.29 4.90
N ALA B 231 22.70 8.57 3.62
CA ALA B 231 22.49 7.57 2.58
C ALA B 231 23.55 6.48 2.68
N GLN B 232 23.11 5.22 2.58
CA GLN B 232 23.99 4.07 2.71
C GLN B 232 24.39 3.53 1.35
N ASN B 233 25.51 2.82 1.34
CA ASN B 233 26.03 2.20 0.14
C ASN B 233 25.22 0.95 -0.14
N PRO B 234 24.96 0.66 -1.43
CA PRO B 234 24.26 -0.61 -1.73
C PRO B 234 24.94 -1.86 -1.16
N GLU B 235 26.27 -1.83 -1.02
CA GLU B 235 27.02 -2.94 -0.43
C GLU B 235 26.65 -3.19 1.02
N GLU B 236 26.56 -2.13 1.80
CA GLU B 236 26.09 -2.24 3.21
C GLU B 236 24.69 -2.83 3.29
N VAL B 237 23.82 -2.40 2.39
CA VAL B 237 22.43 -2.90 2.33
C VAL B 237 22.45 -4.39 1.97
N ALA B 238 23.18 -4.77 0.93
CA ALA B 238 23.35 -6.18 0.55
C ALA B 238 23.76 -7.06 1.73
N GLU B 239 24.62 -6.54 2.62
CA GLU B 239 25.04 -7.31 3.80
C GLU B 239 23.89 -7.63 4.76
N VAL B 240 22.91 -6.74 4.88
CA VAL B 240 21.73 -7.01 5.72
C VAL B 240 20.87 -8.14 5.11
N PHE B 241 20.75 -8.16 3.78
CA PHE B 241 20.09 -9.28 3.09
C PHE B 241 20.76 -10.61 3.45
N LEU B 242 22.10 -10.62 3.45
CA LEU B 242 22.86 -11.83 3.72
C LEU B 242 22.58 -12.36 5.14
N THR B 243 22.54 -11.45 6.11
CA THR B 243 22.17 -11.78 7.49
C THR B 243 20.78 -12.42 7.58
N ALA B 244 19.81 -11.80 6.91
CA ALA B 244 18.44 -12.28 6.92
C ALA B 244 18.31 -13.70 6.35
N LEU B 245 18.93 -13.93 5.19
CA LEU B 245 18.86 -15.26 4.54
C LEU B 245 19.62 -16.34 5.30
N ARG B 246 20.60 -15.94 6.13
CA ARG B 246 21.35 -16.86 6.99
C ARG B 246 20.74 -17.05 8.39
N ALA B 247 19.75 -16.24 8.76
CA ALA B 247 19.11 -16.36 10.06
C ALA B 247 18.42 -17.71 10.21
N PRO B 248 18.69 -18.44 11.32
CA PRO B 248 17.97 -19.69 11.58
C PRO B 248 16.45 -19.49 11.73
N LYS B 249 16.06 -18.41 12.40
CA LYS B 249 14.65 -18.03 12.53
C LYS B 249 14.49 -16.59 12.02
N PRO B 250 14.30 -16.41 10.70
CA PRO B 250 14.28 -15.03 10.23
C PRO B 250 13.00 -14.32 10.66
N THR B 251 13.14 -13.06 11.03
CA THR B 251 12.01 -12.23 11.44
C THR B 251 11.36 -11.55 10.23
N LEU B 252 10.17 -11.01 10.44
CA LEU B 252 9.46 -10.31 9.38
C LEU B 252 10.21 -9.09 8.82
N ARG B 253 10.89 -8.32 9.69
CA ARG B 253 11.65 -7.13 9.28
C ARG B 253 13.09 -7.11 9.78
N TYR B 254 13.98 -6.62 8.93
CA TYR B 254 15.36 -6.31 9.28
C TYR B 254 15.56 -4.87 8.88
N PHE B 255 16.26 -4.12 9.72
CA PHE B 255 16.51 -2.71 9.48
C PHE B 255 17.95 -2.49 9.06
N THR B 256 18.16 -1.75 7.98
CA THR B 256 19.54 -1.45 7.54
C THR B 256 20.21 -0.37 8.40
N THR B 257 19.41 0.37 9.17
CA THR B 257 19.88 1.53 9.95
C THR B 257 18.91 1.74 11.11
N GLU B 258 19.41 2.33 12.21
CA GLU B 258 18.56 2.73 13.33
C GLU B 258 18.31 4.23 13.38
N ARG B 259 18.77 4.96 12.36
CA ARG B 259 18.66 6.43 12.32
C ARG B 259 17.23 6.97 12.47
N PHE B 260 16.25 6.24 11.95
CA PHE B 260 14.86 6.72 11.91
C PHE B 260 13.96 6.14 12.99
N LEU B 261 14.52 5.27 13.84
CA LEU B 261 13.87 4.78 15.07
C LEU B 261 13.10 5.86 15.88
N PRO B 262 13.70 7.05 16.11
CA PRO B 262 12.98 8.09 16.87
C PRO B 262 11.64 8.48 16.26
N LEU B 263 11.66 8.83 14.98
CA LEU B 263 10.45 9.21 14.25
C LEU B 263 9.49 8.04 14.15
N LEU B 264 10.05 6.83 13.99
CA LEU B 264 9.25 5.61 14.00
C LEU B 264 8.54 5.35 15.33
N ARG B 265 9.21 5.61 16.46
CA ARG B 265 8.60 5.48 17.80
C ARG B 265 7.55 6.56 18.07
N MET B 266 7.86 7.79 17.64
CA MET B 266 6.91 8.93 17.63
C MET B 266 5.59 8.54 16.97
N ARG B 267 5.70 7.84 15.85
CA ARG B 267 4.55 7.32 15.12
C ARG B 267 3.75 6.27 15.89
N LEU B 268 4.43 5.29 16.48
CA LEU B 268 3.75 4.17 17.12
C LEU B 268 3.21 4.50 18.52
N ASP B 269 3.78 5.51 19.20
CA ASP B 269 3.25 6.00 20.50
C ASP B 269 1.82 6.57 20.38
N ASP B 270 1.52 7.15 19.22
CA ASP B 270 0.29 7.91 19.01
C ASP B 270 -0.41 7.41 17.74
N PRO B 271 -1.33 6.45 17.90
CA PRO B 271 -2.01 5.89 16.72
C PRO B 271 -2.93 6.88 15.99
N SER B 272 -3.31 7.99 16.62
CA SER B 272 -4.06 9.06 15.93
C SER B 272 -3.26 9.72 14.80
N GLY B 273 -1.93 9.61 14.87
CA GLY B 273 -1.02 10.16 13.87
C GLY B 273 -0.56 11.58 14.11
N SER B 274 -1.16 12.26 15.08
CA SER B 274 -0.86 13.67 15.36
C SER B 274 0.59 13.96 15.69
N ASN B 275 1.15 13.17 16.61
CA ASN B 275 2.54 13.36 17.03
C ASN B 275 3.48 13.16 15.85
N TYR B 276 3.24 12.11 15.05
CA TYR B 276 4.09 11.87 13.89
C TYR B 276 4.01 12.99 12.86
N VAL B 277 2.79 13.40 12.50
CA VAL B 277 2.64 14.41 11.42
C VAL B 277 3.36 15.71 11.81
N THR B 278 3.19 16.12 13.08
CA THR B 278 3.87 17.29 13.61
C THR B 278 5.38 17.12 13.58
N ALA B 279 5.86 16.00 14.14
CA ALA B 279 7.31 15.78 14.20
C ALA B 279 7.95 15.71 12.80
N MET B 280 7.31 15.03 11.85
CA MET B 280 7.90 14.90 10.51
C MET B 280 7.88 16.23 9.78
N HIS B 281 6.79 16.99 9.92
CA HIS B 281 6.73 18.33 9.32
C HIS B 281 7.86 19.24 9.84
N ARG B 282 8.11 19.17 11.16
CA ARG B 282 9.23 19.92 11.79
C ARG B 282 10.60 19.46 11.26
N GLU B 283 10.81 18.14 11.22
CA GLU B 283 12.04 17.55 10.66
C GLU B 283 12.33 18.03 9.23
N VAL B 284 11.33 17.95 8.36
CA VAL B 284 11.52 18.28 6.93
C VAL B 284 11.56 19.78 6.65
N PHE B 285 10.66 20.53 7.28
CA PHE B 285 10.47 21.95 6.94
C PHE B 285 10.99 22.96 7.97
N GLY B 286 11.49 22.50 9.11
CA GLY B 286 12.25 23.36 10.05
C GLY B 286 11.43 24.36 10.85
PA NAP C . -19.36 -1.80 -0.03
O1A NAP C . -20.84 -1.77 0.36
O2A NAP C . -18.84 -2.90 -0.94
O5B NAP C . -19.01 -0.39 -0.74
C5B NAP C . -18.14 -0.26 -1.89
C4B NAP C . -18.62 0.93 -2.71
O4B NAP C . -17.53 1.29 -3.58
C3B NAP C . -19.82 0.55 -3.58
O3B NAP C . -20.84 1.58 -3.75
C2B NAP C . -19.14 0.27 -4.90
O2B NAP C . -20.06 0.30 -6.01
C1B NAP C . -18.03 1.33 -4.90
N9A NAP C . -17.06 1.09 -6.02
C8A NAP C . -16.48 -0.06 -6.39
N7A NAP C . -15.76 0.14 -7.52
C5A NAP C . -15.88 1.44 -7.87
C6A NAP C . -15.40 2.32 -8.96
N6A NAP C . -14.59 1.86 -9.92
N1A NAP C . -15.79 3.62 -8.94
C2A NAP C . -16.60 4.10 -8.00
N3A NAP C . -17.08 3.36 -6.99
C4A NAP C . -16.76 2.05 -6.89
O3 NAP C . -18.44 -1.84 1.30
PN NAP C . -18.63 -1.04 2.72
O1N NAP C . -19.75 -1.85 3.55
O2N NAP C . -17.32 -1.20 3.48
O5D NAP C . -19.17 0.34 2.51
P2B NAP C . -20.30 -1.08 -6.84
O1X NAP C . -20.66 -2.13 -5.81
O2X NAP C . -21.39 -0.73 -7.82
O3X NAP C . -18.95 -1.31 -7.46
C2 J3Z D . -11.97 -9.58 9.92
C4 J3Z D . -11.24 -11.92 10.82
C5 J3Z D . -9.94 -11.30 11.33
C6 J3Z D . -8.78 -11.58 10.35
O1 J3Z D . -9.50 -12.90 13.11
O3 J3Z D . -13.82 -6.34 5.58
C7 J3Z D . -9.45 -11.75 12.70
C8 J3Z D . -8.87 -10.59 13.49
C9 J3Z D . -9.05 -9.39 12.55
C10 J3Z D . -10.22 -9.83 11.67
C12 J3Z D . -10.64 -9.01 10.45
C3 J3Z D . -11.82 -11.10 9.64
C14 J3Z D . -10.78 -7.52 10.75
C15 J3Z D . -11.01 -6.75 9.46
C16 J3Z D . -12.00 -7.38 8.54
C21 J3Z D . -12.49 -8.78 8.76
C17 J3Z D . -12.46 -6.61 7.49
C18 J3Z D . -13.40 -7.12 6.60
C19 J3Z D . -13.87 -8.44 6.78
C20 J3Z D . -13.44 -9.25 7.83
C1 GOL E . -3.77 0.79 -12.17
O1 GOL E . -3.50 2.01 -12.83
C2 GOL E . -2.57 -0.08 -11.85
O2 GOL E . -1.64 0.61 -10.99
C3 GOL E . -3.12 -1.34 -11.16
O3 GOL E . -2.06 -2.22 -10.80
PA NAP F . 18.04 1.02 -8.30
O1A NAP F . 17.27 1.99 -9.18
O2A NAP F . 19.55 0.89 -8.47
O5B NAP F . 17.41 -0.47 -8.44
C5B NAP F . 16.12 -0.75 -9.00
C4B NAP F . 16.21 -2.01 -9.84
O4B NAP F . 14.85 -2.39 -10.14
C3B NAP F . 16.95 -1.78 -11.16
O3B NAP F . 17.90 -2.82 -11.53
C2B NAP F . 15.81 -1.69 -12.14
O2B NAP F . 16.21 -1.99 -13.49
C1B NAP F . 14.79 -2.67 -11.53
N9A NAP F . 13.47 -2.57 -12.20
C8A NAP F . 12.74 -1.47 -12.46
N7A NAP F . 11.62 -1.79 -13.16
C5A NAP F . 11.66 -3.13 -13.36
C6A NAP F . 10.82 -4.15 -14.03
N6A NAP F . 9.66 -3.82 -14.66
N1A NAP F . 11.24 -5.43 -13.99
C2A NAP F . 12.35 -5.82 -13.38
N3A NAP F . 13.17 -4.96 -12.77
C4A NAP F . 12.87 -3.63 -12.74
O3 NAP F . 17.68 1.39 -6.77
PN NAP F . 18.49 0.85 -5.47
O1N NAP F . 18.96 -0.59 -5.65
O2N NAP F . 17.65 1.22 -4.26
O5D NAP F . 19.80 1.81 -5.53
P2B NAP F . 16.22 -0.83 -14.63
O1X NAP F . 14.77 -0.50 -14.91
O2X NAP F . 16.97 0.37 -14.06
O3X NAP F . 16.91 -1.51 -15.78
C2 J3Z G . 14.30 10.36 3.04
C4 J3Z G . 14.12 12.90 3.45
C5 J3Z G . 13.29 12.61 4.71
C6 J3Z G . 11.81 12.76 4.40
O1 J3Z G . 13.82 14.62 5.95
O3 J3Z G . 13.88 5.82 -0.38
C7 J3Z G . 13.55 13.44 5.94
C8 J3Z G . 13.41 12.66 7.23
C9 J3Z G . 13.19 11.24 6.70
C10 J3Z G . 13.76 11.27 5.28
C12 J3Z G . 13.53 10.11 4.34
C3 J3Z G . 14.00 11.76 2.43
C14 J3Z G . 13.94 8.80 5.00
C15 J3Z G . 13.76 7.58 4.11
C16 J3Z G . 13.93 7.83 2.64
C21 J3Z G . 14.16 9.20 2.09
C17 J3Z G . 13.84 6.74 1.78
C18 J3Z G . 13.99 6.91 0.42
C19 J3Z G . 14.22 8.16 -0.13
C20 J3Z G . 14.32 9.30 0.69
#